data_6M2G
#
_entry.id   6M2G
#
_cell.length_a   69.180
_cell.length_b   69.180
_cell.length_c   81.800
_cell.angle_alpha   90.000
_cell.angle_beta   90.000
_cell.angle_gamma   90.000
#
_symmetry.space_group_name_H-M   'P 41'
#
loop_
_entity.id
_entity.type
_entity.pdbx_description
1 polymer 'Sirohydrochlorin cobaltochelatase'
2 non-polymer cobalt-sirohydrochlorin
3 water water
#
_entity_poly.entity_id   1
_entity_poly.type   'polypeptide(L)'
_entity_poly.pdbx_seq_one_letter_code
;MEALVLVGHGSRLPYSKELLVKLAEKVKERNLFPIVEIGLMEFSEPTIPQAVKKAIEQGAKRIIVVPVFLAHGIHTTRDI
PRLLGLIEDNHEHHHEHSHHHHHHHHHEHEKLEIPEDVEIIYREPIGADDRIVDIIIDRAFGR
;
_entity_poly.pdbx_strand_id   A,B
#
# COMPACT_ATOMS: atom_id res chain seq x y z
N MET A 1 -23.97 14.97 -4.30
CA MET A 1 -23.31 16.02 -5.14
C MET A 1 -21.83 15.70 -5.37
N GLU A 2 -21.15 15.15 -4.35
CA GLU A 2 -19.80 14.65 -4.58
C GLU A 2 -19.73 13.17 -4.23
N ALA A 3 -18.79 12.48 -4.86
CA ALA A 3 -18.66 11.06 -4.57
C ALA A 3 -17.21 10.74 -4.28
N LEU A 4 -16.99 9.84 -3.32
CA LEU A 4 -15.69 9.20 -3.12
C LEU A 4 -15.58 7.92 -3.94
N VAL A 5 -14.57 7.88 -4.83
CA VAL A 5 -14.23 6.65 -5.54
C VAL A 5 -12.86 6.16 -5.08
N LEU A 6 -12.84 5.03 -4.40
CA LEU A 6 -11.58 4.44 -3.95
C LEU A 6 -11.02 3.56 -5.04
N VAL A 7 -9.74 3.72 -5.32
CA VAL A 7 -9.19 3.03 -6.46
C VAL A 7 -7.98 2.22 -6.02
N GLY A 8 -7.91 0.98 -6.47
CA GLY A 8 -6.87 0.06 -6.03
C GLY A 8 -6.24 -0.66 -7.20
N HIS A 9 -5.16 -1.40 -6.97
CA HIS A 9 -4.40 -2.03 -8.04
C HIS A 9 -5.20 -3.18 -8.67
N GLY A 10 -5.72 -4.10 -7.85
CA GLY A 10 -6.27 -5.32 -8.43
C GLY A 10 -5.22 -6.43 -8.43
N SER A 11 -5.68 -7.68 -8.44
CA SER A 11 -4.78 -8.80 -8.19
C SER A 11 -5.42 -10.01 -8.84
N ARG A 12 -4.58 -11.02 -9.11
CA ARG A 12 -5.18 -12.26 -9.59
C ARG A 12 -5.62 -13.08 -8.39
N LEU A 13 -5.03 -12.79 -7.21
CA LEU A 13 -5.64 -13.33 -6.01
C LEU A 13 -6.76 -12.41 -5.55
N PRO A 14 -7.61 -12.87 -4.62
CA PRO A 14 -8.77 -12.07 -4.24
C PRO A 14 -8.50 -11.00 -3.19
N TYR A 15 -7.26 -10.95 -2.68
CA TYR A 15 -7.03 -10.25 -1.41
C TYR A 15 -7.17 -8.74 -1.60
N SER A 16 -6.61 -8.25 -2.70
CA SER A 16 -6.68 -6.88 -3.11
C SER A 16 -8.12 -6.34 -3.18
N LYS A 17 -9.04 -7.05 -3.84
CA LYS A 17 -10.40 -6.53 -3.96
C LYS A 17 -11.11 -6.65 -2.62
N GLU A 18 -10.85 -7.71 -1.87
CA GLU A 18 -11.40 -7.78 -0.53
C GLU A 18 -11.04 -6.54 0.28
N LEU A 19 -9.78 -6.12 0.20
CA LEU A 19 -9.31 -4.96 0.94
C LEU A 19 -10.04 -3.68 0.52
N LEU A 20 -10.18 -3.48 -0.79
CA LEU A 20 -10.86 -2.27 -1.21
C LEU A 20 -12.30 -2.31 -0.71
N VAL A 21 -12.91 -3.49 -0.73
CA VAL A 21 -14.28 -3.63 -0.32
C VAL A 21 -14.44 -3.34 1.17
N LYS A 22 -13.58 -3.95 2.00
CA LYS A 22 -13.57 -3.62 3.42
C LYS A 22 -13.35 -2.11 3.64
N LEU A 23 -12.33 -1.51 2.95
CA LEU A 23 -12.13 -0.08 3.13
C LEU A 23 -13.39 0.72 2.78
N ALA A 24 -14.04 0.42 1.65
CA ALA A 24 -15.24 1.15 1.27
C ALA A 24 -16.37 0.97 2.30
N GLU A 25 -16.53 -0.23 2.86
CA GLU A 25 -17.55 -0.44 3.85
C GLU A 25 -17.22 0.37 5.10
N LYS A 26 -15.94 0.41 5.46
CA LYS A 26 -15.54 1.17 6.65
C LYS A 26 -15.81 2.67 6.46
N VAL A 27 -15.55 3.18 5.28
CA VAL A 27 -15.75 4.59 5.01
C VAL A 27 -17.25 4.88 4.92
N LYS A 28 -18.01 3.91 4.37
CA LYS A 28 -19.47 4.01 4.39
C LYS A 28 -19.97 4.18 5.83
N GLU A 29 -19.45 3.36 6.74
CA GLU A 29 -19.82 3.46 8.14
C GLU A 29 -19.61 4.84 8.81
N ARG A 30 -18.74 5.71 8.29
CA ARG A 30 -18.47 6.98 8.94
C ARG A 30 -19.45 8.07 8.48
N ASN A 31 -20.33 7.79 7.48
CA ASN A 31 -21.27 8.73 6.88
C ASN A 31 -20.64 10.10 6.61
N LEU A 32 -19.69 10.19 5.67
CA LEU A 32 -19.13 11.47 5.27
C LEU A 32 -19.50 11.82 3.81
N PHE A 33 -19.80 10.78 3.02
CA PHE A 33 -19.95 10.93 1.59
C PHE A 33 -21.27 10.29 1.22
N PRO A 34 -22.05 10.98 0.38
CA PRO A 34 -23.35 10.50 -0.07
C PRO A 34 -23.23 9.22 -0.90
N ILE A 35 -22.19 9.13 -1.74
CA ILE A 35 -21.90 8.05 -2.67
C ILE A 35 -20.46 7.62 -2.44
N VAL A 36 -20.21 6.31 -2.41
CA VAL A 36 -18.88 5.74 -2.23
C VAL A 36 -18.77 4.51 -3.11
N GLU A 37 -17.84 4.54 -4.07
CA GLU A 37 -17.69 3.47 -5.04
C GLU A 37 -16.23 3.00 -5.05
N ILE A 38 -16.00 1.77 -5.52
CA ILE A 38 -14.63 1.28 -5.63
C ILE A 38 -14.33 0.85 -7.06
N GLY A 39 -13.07 0.95 -7.47
CA GLY A 39 -12.62 0.53 -8.79
C GLY A 39 -11.23 -0.07 -8.70
N LEU A 40 -10.95 -1.01 -9.58
CA LEU A 40 -9.65 -1.67 -9.60
C LEU A 40 -9.03 -1.49 -10.96
N MET A 41 -7.71 -1.27 -10.95
CA MET A 41 -7.01 -0.91 -12.16
C MET A 41 -6.94 -2.11 -13.11
N GLU A 42 -6.46 -3.27 -12.65
CA GLU A 42 -6.37 -4.46 -13.50
C GLU A 42 -7.11 -5.64 -12.86
N PHE A 43 -7.39 -6.66 -13.68
CA PHE A 43 -7.83 -8.01 -13.28
C PHE A 43 -9.25 -8.08 -12.75
N SER A 44 -9.69 -7.14 -11.93
CA SER A 44 -10.93 -7.39 -11.21
C SER A 44 -11.98 -6.41 -11.74
N GLU A 45 -13.23 -6.63 -11.33
CA GLU A 45 -14.32 -5.67 -11.51
C GLU A 45 -14.88 -5.31 -10.15
N PRO A 46 -15.42 -4.08 -9.94
CA PRO A 46 -15.52 -3.04 -10.98
C PRO A 46 -14.21 -2.36 -11.38
N THR A 47 -14.17 -1.84 -12.62
CA THR A 47 -13.00 -1.18 -13.16
C THR A 47 -13.10 0.29 -12.82
N ILE A 48 -12.01 1.04 -12.99
CA ILE A 48 -12.04 2.44 -12.60
C ILE A 48 -13.12 3.17 -13.42
N PRO A 49 -13.16 3.06 -14.75
CA PRO A 49 -14.24 3.71 -15.49
C PRO A 49 -15.64 3.30 -15.02
N GLN A 50 -15.85 2.01 -14.77
CA GLN A 50 -17.12 1.57 -14.23
C GLN A 50 -17.49 2.24 -12.90
N ALA A 51 -16.50 2.42 -11.99
CA ALA A 51 -16.78 3.01 -10.69
C ALA A 51 -17.19 4.46 -10.87
N VAL A 52 -16.44 5.15 -11.75
CA VAL A 52 -16.73 6.55 -12.05
C VAL A 52 -18.13 6.69 -12.66
N LYS A 53 -18.48 5.82 -13.62
CA LYS A 53 -19.79 5.95 -14.23
C LYS A 53 -20.90 5.70 -13.20
N LYS A 54 -20.71 4.72 -12.31
CA LYS A 54 -21.68 4.42 -11.29
C LYS A 54 -21.89 5.65 -10.44
N ALA A 55 -20.80 6.36 -10.10
CA ALA A 55 -20.91 7.54 -9.26
C ALA A 55 -21.68 8.64 -9.99
N ILE A 56 -21.32 8.90 -11.26
CA ILE A 56 -22.02 9.92 -12.03
C ILE A 56 -23.51 9.61 -12.08
N GLU A 57 -23.87 8.36 -12.36
CA GLU A 57 -25.26 8.01 -12.56
C GLU A 57 -26.05 7.94 -11.24
N GLN A 58 -25.41 8.17 -10.08
CA GLN A 58 -26.16 8.30 -8.83
C GLN A 58 -26.37 9.78 -8.48
N GLY A 59 -25.90 10.64 -9.40
CA GLY A 59 -26.07 12.08 -9.36
C GLY A 59 -24.95 12.78 -8.62
N ALA A 60 -23.69 12.49 -8.99
CA ALA A 60 -22.56 13.22 -8.48
C ALA A 60 -21.97 14.02 -9.63
N LYS A 61 -21.44 15.20 -9.33
CA LYS A 61 -20.80 16.05 -10.33
C LYS A 61 -19.39 16.39 -9.89
N ARG A 62 -19.07 16.06 -8.64
CA ARG A 62 -17.69 16.18 -8.21
C ARG A 62 -17.18 14.83 -7.74
N ILE A 63 -16.28 14.21 -8.53
CA ILE A 63 -15.82 12.87 -8.21
C ILE A 63 -14.43 12.99 -7.56
N ILE A 64 -14.37 12.64 -6.26
CA ILE A 64 -13.10 12.54 -5.53
C ILE A 64 -12.54 11.13 -5.76
N VAL A 65 -11.43 11.05 -6.49
CA VAL A 65 -10.76 9.76 -6.69
C VAL A 65 -9.52 9.66 -5.79
N VAL A 66 -9.58 8.74 -4.83
CA VAL A 66 -8.41 8.50 -3.99
C VAL A 66 -7.70 7.20 -4.39
N PRO A 67 -6.41 7.26 -4.78
CA PRO A 67 -5.63 6.06 -5.09
C PRO A 67 -5.14 5.39 -3.81
N VAL A 68 -5.67 4.21 -3.54
CA VAL A 68 -5.29 3.48 -2.36
C VAL A 68 -4.04 2.70 -2.76
N PHE A 69 -2.92 3.40 -2.75
CA PHE A 69 -1.62 2.83 -3.10
C PHE A 69 -0.63 3.38 -2.09
N LEU A 70 0.42 2.66 -1.72
CA LEU A 70 1.41 3.24 -0.82
C LEU A 70 2.13 4.45 -1.44
N ALA A 71 2.72 4.28 -2.61
CA ALA A 71 3.55 5.29 -3.22
C ALA A 71 3.06 5.65 -4.62
N HIS A 72 3.56 6.78 -5.14
CA HIS A 72 3.40 7.10 -6.55
C HIS A 72 4.28 6.16 -7.36
N GLY A 73 3.81 5.93 -8.59
CA GLY A 73 4.60 5.27 -9.63
C GLY A 73 3.84 5.27 -10.94
N ILE A 74 4.12 4.27 -11.78
CA ILE A 74 3.48 4.17 -13.08
C ILE A 74 1.95 4.20 -12.95
N HIS A 75 1.41 3.52 -11.94
CA HIS A 75 -0.02 3.33 -11.92
C HIS A 75 -0.67 4.67 -11.55
N THR A 76 -0.11 5.31 -10.51
CA THR A 76 -0.72 6.53 -10.02
C THR A 76 -0.46 7.73 -10.96
N THR A 77 0.66 7.75 -11.70
CA THR A 77 1.00 8.94 -12.46
C THR A 77 0.65 8.83 -13.95
N ARG A 78 0.56 7.60 -14.47
CA ARG A 78 0.26 7.36 -15.86
C ARG A 78 -1.10 6.68 -16.07
N ASP A 79 -1.17 5.37 -15.80
CA ASP A 79 -2.35 4.56 -16.06
C ASP A 79 -3.63 5.18 -15.50
N ILE A 80 -3.61 5.62 -14.22
CA ILE A 80 -4.85 6.03 -13.60
C ILE A 80 -5.29 7.36 -14.18
N PRO A 81 -4.39 8.37 -14.28
CA PRO A 81 -4.78 9.65 -14.83
C PRO A 81 -5.29 9.42 -16.25
N ARG A 82 -4.84 8.32 -16.89
CA ARG A 82 -5.23 8.00 -18.25
C ARG A 82 -6.67 7.50 -18.25
N LEU A 83 -6.90 6.41 -17.49
CA LEU A 83 -8.22 5.81 -17.34
C LEU A 83 -9.26 6.87 -16.97
N LEU A 84 -8.88 7.93 -16.23
CA LEU A 84 -9.81 8.98 -15.83
C LEU A 84 -9.92 10.03 -16.93
N GLY A 85 -9.28 9.74 -18.08
CA GLY A 85 -9.06 10.71 -19.15
C GLY A 85 -8.63 12.09 -18.64
N LEU A 86 -7.71 12.12 -17.68
CA LEU A 86 -7.20 13.38 -17.15
C LEU A 86 -5.99 13.85 -17.95
N ILE A 87 -5.67 13.14 -19.04
CA ILE A 87 -4.53 13.48 -19.89
C ILE A 87 -4.96 13.70 -21.36
N GLU A 113 -15.04 10.25 -20.90
CA GLU A 113 -16.50 9.96 -21.03
C GLU A 113 -17.25 10.71 -19.92
N ILE A 114 -16.62 11.78 -19.43
CA ILE A 114 -17.13 12.58 -18.31
C ILE A 114 -17.87 13.79 -18.88
N PRO A 115 -19.10 14.11 -18.41
CA PRO A 115 -19.80 15.31 -18.83
C PRO A 115 -19.06 16.59 -18.41
N GLU A 116 -19.47 17.70 -19.02
CA GLU A 116 -18.98 19.06 -18.81
C GLU A 116 -19.22 19.42 -17.35
N ASP A 117 -20.42 19.05 -16.89
CA ASP A 117 -20.95 19.57 -15.66
C ASP A 117 -20.31 18.81 -14.51
N VAL A 118 -19.31 17.96 -14.84
CA VAL A 118 -18.69 17.00 -13.91
C VAL A 118 -17.17 17.14 -13.90
N GLU A 119 -16.59 17.31 -12.70
CA GLU A 119 -15.14 17.39 -12.51
C GLU A 119 -14.62 16.21 -11.69
N ILE A 120 -13.54 15.59 -12.18
CA ILE A 120 -12.82 14.56 -11.43
C ILE A 120 -11.74 15.24 -10.63
N ILE A 121 -11.68 14.93 -9.32
CA ILE A 121 -10.63 15.45 -8.44
C ILE A 121 -9.69 14.32 -8.02
N TYR A 122 -8.52 14.28 -8.67
CA TYR A 122 -7.64 13.15 -8.49
C TYR A 122 -6.75 13.40 -7.29
N ARG A 123 -6.92 12.61 -6.24
CA ARG A 123 -6.18 12.87 -5.03
C ARG A 123 -4.83 12.13 -4.95
N GLU A 124 -4.27 12.15 -3.74
CA GLU A 124 -2.88 11.81 -3.49
C GLU A 124 -2.83 10.44 -2.85
N PRO A 125 -1.80 9.59 -3.10
CA PRO A 125 -1.71 8.27 -2.43
C PRO A 125 -1.34 8.40 -0.95
N ILE A 126 -1.14 7.24 -0.34
CA ILE A 126 -0.99 7.16 1.11
C ILE A 126 0.30 7.79 1.59
N GLY A 127 1.43 7.42 0.96
CA GLY A 127 2.69 8.08 1.28
C GLY A 127 3.18 7.72 2.67
N ALA A 128 4.23 8.42 3.11
CA ALA A 128 4.93 8.07 4.35
C ALA A 128 4.28 8.81 5.52
N ASP A 129 3.10 8.32 5.87
CA ASP A 129 2.22 8.92 6.87
C ASP A 129 2.57 8.28 8.22
N ASP A 130 2.65 9.07 9.28
CA ASP A 130 2.94 8.55 10.60
C ASP A 130 2.00 7.38 11.00
N ARG A 131 0.79 7.40 10.52
CA ARG A 131 -0.08 6.27 10.85
C ARG A 131 0.37 4.97 10.22
N ILE A 132 1.12 5.04 9.11
CA ILE A 132 1.50 3.77 8.61
C ILE A 132 2.76 3.29 9.34
N VAL A 133 3.51 4.22 9.95
CA VAL A 133 4.57 3.82 10.88
C VAL A 133 3.98 3.08 12.08
N ASP A 134 2.95 3.67 12.72
CA ASP A 134 2.13 2.99 13.71
C ASP A 134 1.71 1.58 13.25
N ILE A 135 1.18 1.45 12.03
CA ILE A 135 0.70 0.16 11.54
C ILE A 135 1.87 -0.79 11.38
N ILE A 136 2.96 -0.31 10.80
CA ILE A 136 4.11 -1.19 10.67
C ILE A 136 4.59 -1.72 12.02
N ILE A 137 4.63 -0.88 13.10
CA ILE A 137 5.18 -1.39 14.36
C ILE A 137 4.20 -2.43 14.90
N ASP A 138 2.89 -2.21 14.69
CA ASP A 138 1.93 -3.20 15.18
C ASP A 138 2.19 -4.51 14.45
N ARG A 139 2.39 -4.44 13.15
CA ARG A 139 2.70 -5.65 12.40
C ARG A 139 4.00 -6.29 12.87
N ALA A 140 5.00 -5.50 13.22
CA ALA A 140 6.27 -6.02 13.68
C ALA A 140 6.03 -6.97 14.84
N PHE A 141 5.10 -6.59 15.75
CA PHE A 141 4.80 -7.34 16.97
C PHE A 141 3.66 -8.33 16.79
N GLY A 142 3.25 -8.57 15.54
CA GLY A 142 2.26 -9.58 15.27
C GLY A 142 0.91 -9.16 15.81
N ARG A 143 0.74 -7.86 16.10
CA ARG A 143 -0.58 -7.30 16.39
C ARG A 143 -1.09 -6.67 15.10
N MET B 1 19.90 -7.92 18.69
CA MET B 1 19.45 -9.36 18.76
C MET B 1 18.30 -9.61 17.79
N GLU B 2 17.39 -8.64 17.64
CA GLU B 2 16.36 -8.73 16.61
C GLU B 2 16.44 -7.51 15.71
N ALA B 3 16.06 -7.72 14.45
CA ALA B 3 16.12 -6.62 13.52
C ALA B 3 14.77 -6.49 12.82
N LEU B 4 14.36 -5.24 12.55
CA LEU B 4 13.24 -4.95 11.66
C LEU B 4 13.75 -4.76 10.24
N VAL B 5 13.25 -5.58 9.31
CA VAL B 5 13.50 -5.38 7.89
C VAL B 5 12.19 -5.00 7.18
N LEU B 6 12.13 -3.77 6.70
CA LEU B 6 10.95 -3.31 5.97
C LEU B 6 11.12 -3.65 4.50
N VAL B 7 10.08 -4.24 3.93
CA VAL B 7 10.21 -4.73 2.58
C VAL B 7 9.11 -4.14 1.74
N GLY B 8 9.49 -3.65 0.55
CA GLY B 8 8.58 -2.92 -0.31
C GLY B 8 8.67 -3.42 -1.74
N HIS B 9 7.74 -3.00 -2.60
CA HIS B 9 7.64 -3.52 -3.95
C HIS B 9 8.86 -3.11 -4.80
N GLY B 10 9.18 -1.81 -4.82
CA GLY B 10 10.18 -1.32 -5.77
C GLY B 10 9.47 -0.80 -7.02
N SER B 11 10.14 0.10 -7.77
CA SER B 11 9.46 0.82 -8.83
C SER B 11 10.53 1.27 -9.81
N ARG B 12 10.10 1.56 -11.04
CA ARG B 12 11.06 2.13 -11.96
C ARG B 12 11.11 3.64 -11.71
N LEU B 13 10.03 4.19 -11.14
CA LEU B 13 10.17 5.54 -10.64
C LEU B 13 10.77 5.52 -9.24
N PRO B 14 11.21 6.67 -8.71
CA PRO B 14 11.92 6.66 -7.44
C PRO B 14 11.02 6.70 -6.21
N TYR B 15 9.70 6.80 -6.43
CA TYR B 15 8.81 7.19 -5.36
C TYR B 15 8.71 6.09 -4.30
N SER B 16 8.60 4.85 -4.77
CA SER B 16 8.56 3.67 -3.94
C SER B 16 9.75 3.57 -2.98
N LYS B 17 11.00 3.74 -3.46
CA LYS B 17 12.17 3.61 -2.60
C LYS B 17 12.20 4.77 -1.62
N GLU B 18 11.82 5.97 -2.09
CA GLU B 18 11.80 7.11 -1.19
C GLU B 18 10.90 6.82 -0.01
N LEU B 19 9.74 6.23 -0.28
CA LEU B 19 8.76 5.97 0.76
C LEU B 19 9.33 4.97 1.78
N LEU B 20 9.96 3.89 1.29
CA LEU B 20 10.49 2.92 2.24
C LEU B 20 11.56 3.59 3.08
N VAL B 21 12.34 4.46 2.47
CA VAL B 21 13.41 5.13 3.19
C VAL B 21 12.86 6.08 4.24
N LYS B 22 11.86 6.89 3.88
CA LYS B 22 11.19 7.71 4.88
C LYS B 22 10.61 6.85 6.01
N LEU B 23 9.88 5.76 5.64
CA LEU B 23 9.34 4.89 6.67
C LEU B 23 10.42 4.38 7.62
N ALA B 24 11.53 3.88 7.08
CA ALA B 24 12.60 3.35 7.92
C ALA B 24 13.17 4.42 8.85
N GLU B 25 13.35 5.65 8.34
CA GLU B 25 13.89 6.71 9.16
C GLU B 25 12.88 7.08 10.25
N LYS B 26 11.59 7.04 9.93
CA LYS B 26 10.61 7.36 10.94
C LYS B 26 10.58 6.30 12.05
N VAL B 27 10.77 5.04 11.67
CA VAL B 27 10.85 3.95 12.63
C VAL B 27 12.10 4.06 13.48
N LYS B 28 13.21 4.46 12.81
CA LYS B 28 14.45 4.70 13.52
C LYS B 28 14.24 5.73 14.63
N GLU B 29 13.55 6.83 14.29
CA GLU B 29 13.23 7.85 15.26
C GLU B 29 12.49 7.39 16.52
N ARG B 30 11.69 6.30 16.46
CA ARG B 30 10.91 5.86 17.60
C ARG B 30 11.73 5.01 18.60
N ASN B 31 12.99 4.67 18.27
CA ASN B 31 13.90 3.87 19.09
C ASN B 31 13.26 2.60 19.65
N LEU B 32 12.80 1.66 18.82
CA LEU B 32 12.25 0.40 19.31
C LEU B 32 13.12 -0.82 18.91
N PHE B 33 13.93 -0.65 17.86
CA PHE B 33 14.65 -1.76 17.28
C PHE B 33 16.13 -1.43 17.22
N PRO B 34 17.01 -2.38 17.56
CA PRO B 34 18.45 -2.11 17.53
C PRO B 34 18.96 -1.89 16.09
N ILE B 35 18.37 -2.63 15.13
CA ILE B 35 18.72 -2.62 13.72
C ILE B 35 17.44 -2.45 12.90
N VAL B 36 17.46 -1.60 11.87
CA VAL B 36 16.35 -1.41 10.95
C VAL B 36 16.89 -1.31 9.54
N GLU B 37 16.48 -2.21 8.64
CA GLU B 37 16.93 -2.18 7.26
C GLU B 37 15.74 -2.19 6.30
N ILE B 38 15.99 -1.79 5.04
CA ILE B 38 14.94 -1.84 4.04
C ILE B 38 15.40 -2.67 2.85
N GLY B 39 14.44 -3.29 2.16
CA GLY B 39 14.69 -4.08 0.96
C GLY B 39 13.56 -3.88 -0.04
N LEU B 40 13.91 -3.93 -1.34
CA LEU B 40 12.91 -3.77 -2.38
C LEU B 40 12.89 -5.05 -3.21
N MET B 41 11.68 -5.45 -3.59
CA MET B 41 11.49 -6.72 -4.23
C MET B 41 12.06 -6.65 -5.66
N GLU B 42 11.73 -5.62 -6.44
CA GLU B 42 12.21 -5.50 -7.82
C GLU B 42 12.83 -4.12 -8.06
N PHE B 43 13.64 -4.01 -9.12
CA PHE B 43 14.14 -2.77 -9.69
C PHE B 43 15.19 -2.06 -8.84
N SER B 44 14.92 -1.84 -7.56
CA SER B 44 15.75 -0.89 -6.81
C SER B 44 16.74 -1.67 -5.95
N GLU B 45 17.67 -0.97 -5.31
CA GLU B 45 18.53 -1.52 -4.26
C GLU B 45 18.37 -0.69 -3.00
N PRO B 46 18.56 -1.26 -1.78
CA PRO B 46 18.91 -2.67 -1.56
C PRO B 46 17.83 -3.70 -1.84
N THR B 47 18.24 -4.94 -2.15
CA THR B 47 17.31 -6.02 -2.45
C THR B 47 16.94 -6.72 -1.15
N ILE B 48 15.90 -7.56 -1.18
CA ILE B 48 15.48 -8.21 0.05
C ILE B 48 16.64 -9.05 0.60
N PRO B 49 17.30 -9.94 -0.19
CA PRO B 49 18.41 -10.70 0.37
C PRO B 49 19.51 -9.80 0.94
N GLN B 50 19.86 -8.73 0.23
CA GLN B 50 20.83 -7.77 0.75
C GLN B 50 20.43 -7.20 2.11
N ALA B 51 19.15 -6.84 2.29
CA ALA B 51 18.69 -6.22 3.54
C ALA B 51 18.83 -7.24 4.67
N VAL B 52 18.41 -8.48 4.40
CA VAL B 52 18.48 -9.55 5.38
C VAL B 52 19.94 -9.83 5.75
N LYS B 53 20.83 -9.91 4.76
CA LYS B 53 22.22 -10.20 5.11
C LYS B 53 22.82 -9.04 5.92
N LYS B 54 22.47 -7.80 5.59
CA LYS B 54 22.99 -6.66 6.31
C LYS B 54 22.54 -6.75 7.76
N ALA B 55 21.29 -7.17 7.99
CA ALA B 55 20.79 -7.29 9.35
C ALA B 55 21.56 -8.40 10.10
N ILE B 56 21.71 -9.57 9.47
CA ILE B 56 22.43 -10.67 10.11
C ILE B 56 23.84 -10.23 10.49
N GLU B 57 24.53 -9.55 9.57
CA GLU B 57 25.92 -9.22 9.79
C GLU B 57 26.09 -8.03 10.75
N GLN B 58 25.00 -7.47 11.28
CA GLN B 58 25.12 -6.49 12.37
C GLN B 58 24.87 -7.18 13.72
N GLY B 59 24.66 -8.50 13.67
CA GLY B 59 24.47 -9.39 14.81
C GLY B 59 23.00 -9.49 15.24
N ALA B 60 22.11 -9.82 14.29
CA ALA B 60 20.74 -10.13 14.61
C ALA B 60 20.51 -11.61 14.33
N LYS B 61 19.67 -12.25 15.14
CA LYS B 61 19.37 -13.66 14.96
C LYS B 61 17.86 -13.88 14.86
N ARG B 62 17.07 -12.86 15.24
CA ARG B 62 15.70 -12.87 14.79
C ARG B 62 15.41 -11.67 13.88
N ILE B 63 15.16 -11.99 12.60
CA ILE B 63 14.80 -10.97 11.62
C ILE B 63 13.27 -10.89 11.52
N ILE B 64 12.72 -9.73 11.94
CA ILE B 64 11.32 -9.41 11.73
C ILE B 64 11.21 -8.77 10.35
N VAL B 65 10.58 -9.49 9.41
CA VAL B 65 10.32 -8.94 8.08
C VAL B 65 8.87 -8.45 7.97
N VAL B 66 8.70 -7.14 7.83
CA VAL B 66 7.36 -6.62 7.58
C VAL B 66 7.19 -6.24 6.11
N PRO B 67 6.20 -6.82 5.39
CA PRO B 67 5.88 -6.42 4.03
C PRO B 67 5.03 -5.14 4.04
N VAL B 68 5.62 -4.07 3.55
CA VAL B 68 4.92 -2.80 3.48
C VAL B 68 4.16 -2.83 2.15
N PHE B 69 3.04 -3.55 2.17
CA PHE B 69 2.15 -3.67 1.04
C PHE B 69 0.75 -3.51 1.60
N LEU B 70 -0.19 -2.95 0.83
CA LEU B 70 -1.55 -2.87 1.31
C LEU B 70 -2.17 -4.25 1.53
N ALA B 71 -2.14 -5.12 0.52
CA ALA B 71 -2.85 -6.39 0.58
C ALA B 71 -1.91 -7.57 0.32
N HIS B 72 -2.39 -8.78 0.63
CA HIS B 72 -1.74 -9.98 0.15
C HIS B 72 -1.98 -10.11 -1.35
N GLY B 73 -1.04 -10.82 -1.95
CA GLY B 73 -1.10 -11.19 -3.36
C GLY B 73 0.14 -12.01 -3.72
N ILE B 74 0.46 -11.96 -5.00
CA ILE B 74 1.54 -12.80 -5.50
C ILE B 74 2.85 -12.43 -4.78
N HIS B 75 3.03 -11.15 -4.51
CA HIS B 75 4.32 -10.72 -4.01
C HIS B 75 4.48 -11.21 -2.58
N THR B 76 3.42 -11.01 -1.78
CA THR B 76 3.50 -11.33 -0.38
C THR B 76 3.44 -12.83 -0.11
N THR B 77 2.78 -13.62 -0.98
CA THR B 77 2.56 -15.03 -0.67
C THR B 77 3.52 -15.96 -1.42
N ARG B 78 4.08 -15.51 -2.54
CA ARG B 78 4.98 -16.30 -3.36
C ARG B 78 6.39 -15.72 -3.37
N ASP B 79 6.60 -14.63 -4.12
CA ASP B 79 7.91 -14.05 -4.38
C ASP B 79 8.68 -13.81 -3.08
N ILE B 80 8.03 -13.17 -2.09
CA ILE B 80 8.79 -12.73 -0.92
C ILE B 80 9.14 -13.94 -0.08
N PRO B 81 8.18 -14.85 0.22
CA PRO B 81 8.52 -16.02 1.02
C PRO B 81 9.62 -16.78 0.32
N ARG B 82 9.71 -16.64 -1.01
CA ARG B 82 10.72 -17.35 -1.81
C ARG B 82 12.08 -16.72 -1.58
N LEU B 83 12.16 -15.41 -1.86
CA LEU B 83 13.37 -14.63 -1.66
C LEU B 83 13.90 -14.79 -0.23
N LEU B 84 13.04 -15.03 0.76
CA LEU B 84 13.45 -15.24 2.14
C LEU B 84 13.84 -16.70 2.37
N GLY B 85 13.82 -17.48 1.27
CA GLY B 85 13.93 -18.93 1.33
C GLY B 85 13.05 -19.55 2.42
N LEU B 86 11.83 -19.02 2.63
CA LEU B 86 10.91 -19.59 3.60
C LEU B 86 10.12 -20.73 2.97
N ILE B 87 10.34 -20.95 1.67
CA ILE B 87 9.54 -21.84 0.85
C ILE B 87 10.51 -22.65 -0.01
N GLU B 88 9.99 -23.62 -0.79
CA GLU B 88 10.81 -24.61 -1.49
C GLU B 88 11.23 -25.68 -0.48
N GLU B 113 20.14 -19.06 2.03
CA GLU B 113 21.27 -18.08 2.14
C GLU B 113 21.45 -17.71 3.62
N ILE B 114 20.48 -18.14 4.43
CA ILE B 114 20.34 -17.79 5.85
C ILE B 114 21.04 -18.87 6.66
N PRO B 115 21.89 -18.52 7.65
CA PRO B 115 22.56 -19.52 8.49
C PRO B 115 21.55 -20.01 9.53
N GLU B 116 21.94 -21.02 10.33
CA GLU B 116 21.14 -21.41 11.47
C GLU B 116 21.46 -20.45 12.61
N ASP B 117 20.72 -20.59 13.72
CA ASP B 117 21.01 -19.77 14.88
C ASP B 117 20.45 -18.36 14.61
N VAL B 118 19.53 -18.29 13.62
CA VAL B 118 18.88 -17.10 13.08
C VAL B 118 17.51 -17.52 12.52
N GLU B 119 16.41 -16.86 12.94
CA GLU B 119 15.08 -17.15 12.43
C GLU B 119 14.49 -15.93 11.71
N ILE B 120 13.87 -16.15 10.55
CA ILE B 120 13.11 -15.11 9.87
C ILE B 120 11.69 -15.13 10.44
N ILE B 121 11.16 -13.97 10.87
CA ILE B 121 9.74 -13.88 11.25
C ILE B 121 8.99 -13.05 10.21
N TYR B 122 8.27 -13.74 9.32
CA TYR B 122 7.64 -13.06 8.20
C TYR B 122 6.29 -12.54 8.66
N ARG B 123 6.15 -11.22 8.72
CA ARG B 123 4.93 -10.67 9.27
C ARG B 123 3.86 -10.40 8.20
N GLU B 124 2.85 -9.65 8.61
CA GLU B 124 1.58 -9.55 7.91
C GLU B 124 1.55 -8.19 7.24
N PRO B 125 0.94 -8.05 6.05
CA PRO B 125 0.79 -6.73 5.43
C PRO B 125 -0.22 -5.82 6.17
N ILE B 126 -0.44 -4.66 5.56
CA ILE B 126 -1.13 -3.58 6.24
C ILE B 126 -2.60 -3.90 6.36
N GLY B 127 -3.23 -4.34 5.26
CA GLY B 127 -4.63 -4.76 5.34
C GLY B 127 -5.56 -3.58 5.59
N ALA B 128 -6.84 -3.89 5.84
CA ALA B 128 -7.89 -2.88 5.99
C ALA B 128 -7.96 -2.44 7.45
N ASP B 129 -6.95 -1.65 7.83
CA ASP B 129 -6.76 -1.14 9.17
C ASP B 129 -7.49 0.19 9.30
N ASP B 130 -8.19 0.42 10.40
CA ASP B 130 -8.89 1.68 10.62
C ASP B 130 -8.03 2.93 10.33
N ARG B 131 -6.75 2.85 10.63
CA ARG B 131 -5.87 4.00 10.40
C ARG B 131 -5.74 4.27 8.89
N ILE B 132 -5.98 3.27 8.06
CA ILE B 132 -5.90 3.50 6.65
C ILE B 132 -7.16 4.24 6.18
N VAL B 133 -8.26 3.95 6.86
CA VAL B 133 -9.50 4.67 6.60
C VAL B 133 -9.34 6.14 6.94
N ASP B 134 -8.82 6.43 8.15
CA ASP B 134 -8.40 7.77 8.54
C ASP B 134 -7.51 8.43 7.46
N ILE B 135 -6.50 7.74 6.94
CA ILE B 135 -5.63 8.34 5.94
C ILE B 135 -6.38 8.59 4.66
N ILE B 136 -7.20 7.61 4.25
CA ILE B 136 -7.97 7.84 3.04
C ILE B 136 -8.87 9.08 3.16
N ILE B 137 -9.51 9.33 4.33
CA ILE B 137 -10.41 10.47 4.48
C ILE B 137 -9.56 11.73 4.34
N ASP B 138 -8.35 11.72 4.93
CA ASP B 138 -7.52 12.91 4.87
C ASP B 138 -7.19 13.17 3.40
N ARG B 139 -6.83 12.12 2.68
CA ARG B 139 -6.55 12.29 1.27
C ARG B 139 -7.76 12.80 0.50
N ALA B 140 -8.96 12.32 0.84
CA ALA B 140 -10.17 12.74 0.15
C ALA B 140 -10.27 14.25 0.18
N PHE B 141 -9.90 14.86 1.34
CA PHE B 141 -10.02 16.30 1.58
C PHE B 141 -8.75 17.06 1.20
N GLY B 142 -7.80 16.39 0.54
CA GLY B 142 -6.62 17.06 0.06
C GLY B 142 -5.74 17.46 1.22
N ARG B 143 -5.92 16.82 2.38
CA ARG B 143 -4.96 16.91 3.49
C ARG B 143 -4.10 15.65 3.45
#